data_9I9W
#
_entry.id   9I9W
#
_cell.length_a   71.628
_cell.length_b   71.628
_cell.length_c   62.879
_cell.angle_alpha   90.000
_cell.angle_beta   90.000
_cell.angle_gamma   90.000
#
_symmetry.space_group_name_H-M   'P 41 21 2'
#
loop_
_entity.id
_entity.type
_entity.pdbx_description
1 polymer "RNA (5'-R(*GP*GP*CP*AP*CP*UP*GP*GP*AP*AP*GP*UP*GP*C)-3')"
2 non-polymer '3-[3-[(7-methyl-1,8-naphthyridin-2-yl)carbamoyloxy]propylamino]propyl ~{N}-(7-methyl-1,8-naphthyridin-2-yl)carbamate'
3 water water
#
_entity_poly.entity_id   1
_entity_poly.type   'polyribonucleotide'
_entity_poly.pdbx_seq_one_letter_code
;GGCACUGGAAGUGC
;
_entity_poly.pdbx_strand_id   AAA,BBB
#
loop_
_chem_comp.id
_chem_comp.type
_chem_comp.name
_chem_comp.formula
A RNA linking ADENOSINE-5'-MONOPHOSPHATE 'C10 H14 N5 O7 P'
B2R non-polymer '3-[3-[(7-methyl-1,8-naphthyridin-2-yl)carbamoyloxy]propylamino]propyl ~{N}-(7-methyl-1,8-naphthyridin-2-yl)carbamate' 'C26 H29 N7 O4'
C RNA linking CYTIDINE-5'-MONOPHOSPHATE 'C9 H14 N3 O8 P'
G RNA linking GUANOSINE-5'-MONOPHOSPHATE 'C10 H14 N5 O8 P'
U RNA linking URIDINE-5'-MONOPHOSPHATE 'C9 H13 N2 O9 P'
#
# COMPACT_ATOMS: atom_id res chain seq x y z
C6 B2R C . -4.40 8.15 10.72
N1 B2R C . -7.71 5.87 9.95
C2 B2R C . -7.82 4.67 10.48
C5 B2R C . -4.46 6.93 11.31
C4 B2R C . -5.70 4.78 11.55
C3 B2R C . -6.82 4.06 11.26
C9 B2R C . -5.55 6.09 11.06
C7 B2R C . -5.44 8.57 9.90
C11 B2R C . -5.49 9.97 9.39
N8 B2R C . -6.51 7.83 9.66
C10 B2R C . -6.58 6.59 10.23
N23 B2R C . -9.01 4.01 10.13
C24 B2R C . -9.46 2.84 10.61
O36 B2R C . -8.89 2.12 11.44
O25 B2R C . -10.61 2.52 10.00
C26 B2R C . -11.26 1.30 10.45
C27 B2R C . -12.46 1.10 9.53
C28 B2R C . -12.10 1.00 8.04
N35 B2R C . -11.38 -0.24 7.68
C34 B2R C . -11.10 -0.42 6.24
C33 B2R C . -10.24 -1.67 6.01
C32 B2R C . -9.60 -1.77 4.62
O31 B2R C . -8.90 -0.51 4.32
C30 B2R C . -7.70 -0.36 4.92
O37 B2R C . -7.24 -1.15 5.71
N29 B2R C . -7.15 0.82 4.53
C13 B2R C . -5.90 1.35 4.92
C14 B2R C . -5.08 0.65 5.78
C15 B2R C . -3.86 1.20 6.10
C20 B2R C . -3.45 2.42 5.52
C16 B2R C . -2.24 3.07 5.78
C17 B2R C . -1.99 4.27 5.20
C18 B2R C . -2.97 4.85 4.36
C22 B2R C . -2.76 6.17 3.71
N19 B2R C . -4.12 4.24 4.08
C21 B2R C . -4.37 3.04 4.65
N12 B2R C . -5.57 2.51 4.36
C6 B2R D . 19.92 -8.19 -7.97
N1 B2R D . 16.93 -9.44 -10.48
C2 B2R D . 16.03 -10.32 -10.04
C5 B2R D . 19.05 -9.10 -7.49
C4 B2R D . 16.95 -10.43 -7.86
C3 B2R D . 15.99 -10.85 -8.71
C9 B2R D . 18.00 -9.56 -8.29
C7 B2R D . 19.82 -7.76 -9.30
C11 B2R D . 20.82 -6.81 -9.87
N8 B2R D . 18.86 -8.19 -10.12
C10 B2R D . 17.94 -9.07 -9.62
N23 B2R D . 15.07 -10.66 -10.99
C24 B2R D . 14.13 -11.61 -10.88
O36 B2R D . 13.95 -12.34 -9.97
O25 B2R D . 13.42 -11.61 -12.00
C26 B2R D . 12.37 -12.64 -12.11
C27 B2R D . 11.15 -12.32 -11.25
C28 B2R D . 10.57 -10.97 -11.58
N35 B2R D . 9.57 -10.64 -10.53
C34 B2R D . 9.10 -9.26 -10.56
C33 B2R D . 8.24 -8.93 -9.36
C32 B2R D . 7.87 -7.49 -9.25
O31 B2R D . 9.08 -6.73 -8.93
C30 B2R D . 9.57 -5.93 -9.93
O37 B2R D . 9.08 -5.79 -11.05
N29 B2R D . 10.69 -5.30 -9.44
C13 B2R D . 11.49 -4.38 -10.11
C14 B2R D . 11.17 -3.93 -11.37
C15 B2R D . 12.04 -3.08 -12.00
C20 B2R D . 13.25 -2.68 -11.35
C16 B2R D . 14.23 -1.87 -11.92
C17 B2R D . 15.29 -1.49 -11.18
C18 B2R D . 15.45 -2.00 -9.89
C22 B2R D . 16.66 -1.65 -9.05
N19 B2R D . 14.57 -2.80 -9.33
C21 B2R D . 13.46 -3.16 -10.05
N12 B2R D . 12.59 -4.05 -9.43
C6 B2R E . -5.16 8.31 5.83
N1 B2R E . -7.88 5.20 5.81
C2 B2R E . -9.00 5.30 5.09
C5 B2R E . -6.27 8.46 5.06
C4 B2R E . -8.43 7.46 4.25
C3 B2R E . -9.31 6.42 4.28
C9 B2R E . -7.26 7.42 5.01
C7 B2R E . -5.00 7.10 6.58
C11 B2R E . -3.79 6.84 7.39
N8 B2R E . -5.91 6.12 6.57
C10 B2R E . -7.02 6.27 5.80
N23 B2R E . -9.86 4.20 5.17
C24 B2R E . -11.05 4.02 4.49
O36 B2R E . -11.55 4.80 3.71
O25 B2R E . -11.60 2.86 4.87
C26 B2R E . -12.89 2.51 4.28
C27 B2R E . -12.73 2.12 2.82
C28 B2R E . -11.68 1.03 2.59
N35 B2R E . -11.35 0.91 1.16
C34 B2R E . -10.30 -0.09 0.89
C33 B2R E . -9.95 -0.29 -0.62
C32 B2R E . -9.35 0.94 -1.26
O31 B2R E . -8.09 1.19 -0.59
C30 B2R E . -7.40 2.32 -0.96
O37 B2R E . -7.78 3.14 -1.80
N29 B2R E . -6.23 2.36 -0.25
C13 B2R E . -5.26 3.36 -0.29
C14 B2R E . -5.42 4.54 -1.02
C15 B2R E . -4.40 5.45 -1.00
C20 B2R E . -3.23 5.19 -0.27
C16 B2R E . -2.12 6.04 -0.20
C17 B2R E . -1.02 5.68 0.53
C18 B2R E . -1.02 4.43 1.19
C22 B2R E . 0.19 3.99 1.96
N19 B2R E . -2.05 3.60 1.14
C21 B2R E . -3.16 3.96 0.43
N12 B2R E . -4.19 3.05 0.40
#